data_7ZCP
#
_entry.id   7ZCP
#
_cell.length_a   106.989
_cell.length_b   106.989
_cell.length_c   106.989
_cell.angle_alpha   90.00
_cell.angle_beta   90.00
_cell.angle_gamma   90.00
#
_symmetry.space_group_name_H-M   'P 21 3'
#
loop_
_entity.id
_entity.type
_entity.pdbx_description
1 polymer 'Copper-containing nitrite reductase'
2 branched beta-D-fructofuranose-(2-1)-alpha-D-glucopyranose
3 non-polymer 'SULFATE ION'
4 non-polymer 'COPPER (II) ION'
5 non-polymer GLYCEROL
6 non-polymer 'NITRIC OXIDE'
7 non-polymer 'NITRITE ION'
8 water water
#
_entity_poly.entity_id   1
_entity_poly.type   'polypeptide(L)'
_entity_poly.pdbx_seq_one_letter_code
;MDDLKLPRQRVDLVAPPFVHVHEQATKQGPKIMEFKLVVQEKKMVIDEKGTTFQAMTFNGSMPGPLMVVHEGDYVEVTLV
NPATNTMPHNIDFHSATGALGGGALTLINPGEQVVLRWKATRTGVFVYHCAPGGPMIPWHVVSGMNGAVMVLPRDGLNDG
HGHSLRYDRIYYIGEQDLYVPRDEKGNFKSYDSPGEAYSDTEEVMRKLTPTHVVFNGKAGALTGKNALNANVGENVLIVH
SQANRDSRPHLIGGHGDYVWETGKFSNAPETGLETWFIRGGSAGAALYKFLQPGIYAYVTHNLIEAANLGATAHFKVEGK
WNDDLMTQVKAPADIPTGSTNENLYFQGGS
;
_entity_poly.pdbx_strand_id   A
#
loop_
_chem_comp.id
_chem_comp.type
_chem_comp.name
_chem_comp.formula
CU non-polymer 'COPPER (II) ION' 'Cu 2'
FRU D-saccharide, beta linking beta-D-fructofuranose 'C6 H12 O6'
GLC D-saccharide, alpha linking alpha-D-glucopyranose 'C6 H12 O6'
GOL non-polymer GLYCEROL 'C3 H8 O3'
NO non-polymer 'NITRIC OXIDE' 'N O'
NO2 non-polymer 'NITRITE ION' 'N O2 -1'
SO4 non-polymer 'SULFATE ION' 'O4 S -2'
#
# COMPACT_ATOMS: atom_id res chain seq x y z
N ASP A 2 -13.25 5.60 -33.27
CA ASP A 2 -12.75 4.38 -32.57
C ASP A 2 -11.39 3.96 -33.11
N ASP A 3 -10.36 4.82 -33.07
CA ASP A 3 -9.00 4.46 -33.58
C ASP A 3 -8.55 3.12 -32.93
N LEU A 4 -8.64 2.93 -31.60
CA LEU A 4 -7.92 1.79 -30.96
C LEU A 4 -8.85 0.58 -30.89
N LYS A 5 -8.58 -0.41 -31.75
CA LYS A 5 -9.44 -1.60 -32.06
C LYS A 5 -8.94 -2.82 -31.27
N LEU A 6 -9.04 -2.79 -29.96
CA LEU A 6 -8.66 -3.93 -29.09
C LEU A 6 -9.86 -4.36 -28.28
N PRO A 7 -9.90 -5.61 -27.81
CA PRO A 7 -10.93 -6.05 -26.88
C PRO A 7 -10.86 -5.20 -25.61
N ARG A 8 -12.03 -4.99 -25.01
CA ARG A 8 -12.19 -4.23 -23.77
C ARG A 8 -12.62 -5.19 -22.67
N GLN A 9 -12.04 -5.04 -21.47
CA GLN A 9 -12.41 -5.85 -20.29
C GLN A 9 -12.62 -4.90 -19.11
N ARG A 10 -13.82 -4.94 -18.54
CA ARG A 10 -14.12 -4.15 -17.32
C ARG A 10 -13.57 -4.88 -16.10
N VAL A 11 -12.84 -4.19 -15.25
CA VAL A 11 -12.34 -4.74 -13.99
C VAL A 11 -13.12 -4.15 -12.81
N ASP A 12 -13.58 -5.00 -11.90
CA ASP A 12 -14.19 -4.58 -10.62
C ASP A 12 -13.10 -4.57 -9.53
N LEU A 13 -12.79 -3.39 -9.06
CA LEU A 13 -11.75 -3.22 -8.03
C LEU A 13 -12.28 -3.76 -6.71
N VAL A 14 -11.35 -4.20 -5.88
CA VAL A 14 -11.68 -4.59 -4.49
C VAL A 14 -10.86 -3.74 -3.52
N ALA A 15 -11.34 -3.67 -2.30
CA ALA A 15 -10.70 -2.90 -1.23
C ALA A 15 -9.40 -3.57 -0.81
N PRO A 16 -8.35 -2.77 -0.59
CA PRO A 16 -7.12 -3.29 -0.01
CA PRO A 16 -7.12 -3.28 0.00
C PRO A 16 -7.40 -3.87 1.39
N PRO A 17 -6.58 -4.83 1.86
CA PRO A 17 -5.35 -5.28 1.23
C PRO A 17 -5.46 -6.37 0.16
N PHE A 18 -6.70 -6.70 -0.18
CA PHE A 18 -7.00 -7.70 -1.19
C PHE A 18 -6.86 -7.07 -2.56
N VAL A 19 -6.84 -7.95 -3.55
CA VAL A 19 -6.56 -7.54 -4.95
C VAL A 19 -7.56 -8.22 -5.86
N HIS A 20 -8.01 -7.49 -6.88
CA HIS A 20 -8.98 -8.02 -7.83
C HIS A 20 -8.39 -9.25 -8.55
N VAL A 21 -9.28 -10.09 -9.04
CA VAL A 21 -8.93 -11.35 -9.79
CA VAL A 21 -8.82 -11.33 -9.71
C VAL A 21 -8.08 -10.95 -10.99
N HIS A 22 -7.01 -11.65 -11.25
CA HIS A 22 -6.16 -11.44 -12.44
C HIS A 22 -5.38 -12.73 -12.71
N GLU A 23 -4.79 -12.78 -13.88
CA GLU A 23 -3.85 -13.84 -14.32
C GLU A 23 -2.42 -13.31 -14.08
N GLN A 24 -1.53 -14.15 -13.61
CA GLN A 24 -0.08 -13.83 -13.58
C GLN A 24 0.51 -13.87 -14.99
N ALA A 25 0.69 -15.01 -15.57
CA ALA A 25 1.08 -15.17 -16.99
C ALA A 25 -0.20 -15.21 -17.84
N THR A 26 -0.14 -14.62 -19.01
CA THR A 26 -1.27 -14.61 -19.97
C THR A 26 -0.73 -14.79 -21.39
N LYS A 27 -1.52 -15.48 -22.18
CA LYS A 27 -1.27 -15.60 -23.63
C LYS A 27 -2.31 -14.77 -24.38
N GLN A 28 -3.20 -14.08 -23.68
CA GLN A 28 -4.11 -13.17 -24.36
C GLN A 28 -3.26 -12.02 -24.90
N GLY A 29 -3.72 -11.39 -25.97
CA GLY A 29 -3.04 -10.21 -26.50
C GLY A 29 -3.42 -9.01 -25.66
N PRO A 30 -2.81 -7.86 -25.93
CA PRO A 30 -3.18 -6.62 -25.28
C PRO A 30 -4.69 -6.34 -25.33
N LYS A 31 -5.19 -5.74 -24.27
CA LYS A 31 -6.60 -5.35 -24.16
C LYS A 31 -6.68 -3.93 -23.63
N ILE A 32 -7.87 -3.34 -23.74
CA ILE A 32 -8.18 -2.09 -23.04
C ILE A 32 -8.84 -2.49 -21.72
N MET A 33 -8.12 -2.26 -20.61
CA MET A 33 -8.56 -2.66 -19.27
C MET A 33 -9.25 -1.42 -18.67
N GLU A 34 -10.54 -1.57 -18.36
CA GLU A 34 -11.41 -0.43 -17.93
CA GLU A 34 -11.41 -0.43 -17.93
C GLU A 34 -11.59 -0.46 -16.41
N PHE A 35 -11.25 0.66 -15.80
CA PHE A 35 -11.30 0.84 -14.35
C PHE A 35 -12.09 2.12 -14.07
N LYS A 36 -12.76 2.12 -12.93
CA LYS A 36 -13.53 3.28 -12.41
CA LYS A 36 -13.46 3.33 -12.43
C LYS A 36 -13.02 3.60 -11.00
N LEU A 37 -12.69 4.86 -10.79
CA LEU A 37 -12.31 5.35 -9.43
C LEU A 37 -13.21 6.54 -9.09
N VAL A 38 -13.83 6.47 -7.91
CA VAL A 38 -14.78 7.50 -7.43
C VAL A 38 -14.15 8.17 -6.21
N VAL A 39 -13.90 9.49 -6.32
CA VAL A 39 -13.34 10.21 -5.16
C VAL A 39 -14.39 10.29 -4.04
N GLN A 40 -13.96 10.05 -2.82
CA GLN A 40 -14.83 10.20 -1.65
C GLN A 40 -14.08 10.95 -0.55
N GLU A 41 -14.49 12.20 -0.28
CA GLU A 41 -14.02 12.94 0.92
C GLU A 41 -14.91 12.50 2.09
N LYS A 42 -14.28 12.10 3.17
CA LYS A 42 -15.02 11.75 4.39
C LYS A 42 -14.10 11.75 5.60
N LYS A 43 -14.74 12.02 6.74
CA LYS A 43 -14.07 11.83 8.04
CA LYS A 43 -14.10 11.83 8.06
C LYS A 43 -13.84 10.32 8.24
N MET A 44 -12.65 9.97 8.70
CA MET A 44 -12.24 8.57 8.96
C MET A 44 -11.52 8.45 10.28
N VAL A 45 -11.69 7.31 10.92
CA VAL A 45 -10.97 6.96 12.17
C VAL A 45 -9.59 6.41 11.79
N ILE A 46 -8.52 6.91 12.40
CA ILE A 46 -7.16 6.53 11.96
CA ILE A 46 -7.13 6.58 11.98
C ILE A 46 -6.31 5.95 13.10
N ASP A 47 -6.83 5.86 14.31
CA ASP A 47 -6.05 5.20 15.40
C ASP A 47 -6.94 4.47 16.39
N GLU A 48 -6.31 3.72 17.29
CA GLU A 48 -7.02 2.83 18.24
CA GLU A 48 -7.02 2.82 18.23
C GLU A 48 -7.69 3.61 19.37
N LYS A 49 -7.39 4.90 19.54
CA LYS A 49 -8.06 5.80 20.51
C LYS A 49 -9.21 6.53 19.83
N GLY A 50 -9.45 6.29 18.54
CA GLY A 50 -10.63 6.85 17.89
C GLY A 50 -10.40 8.20 17.27
N THR A 51 -9.16 8.63 17.15
CA THR A 51 -8.84 9.91 16.51
C THR A 51 -9.42 9.91 15.10
N THR A 52 -10.11 10.99 14.75
CA THR A 52 -10.63 11.17 13.39
C THR A 52 -9.83 12.22 12.62
N PHE A 53 -10.01 12.14 11.32
CA PHE A 53 -9.44 13.19 10.47
CA PHE A 53 -9.20 12.81 10.30
C PHE A 53 -10.12 13.16 9.11
N GLN A 54 -9.98 14.32 8.52
CA GLN A 54 -10.68 14.66 7.27
C GLN A 54 -9.90 14.06 6.08
N ALA A 55 -10.34 12.89 5.69
CA ALA A 55 -9.67 12.11 4.62
C ALA A 55 -10.26 12.46 3.25
N MET A 56 -9.45 12.18 2.26
CA MET A 56 -9.81 12.29 0.85
CA MET A 56 -9.76 12.29 0.82
C MET A 56 -9.29 10.97 0.20
N THR A 57 -10.16 10.27 -0.48
CA THR A 57 -9.83 8.91 -0.92
C THR A 57 -10.23 8.66 -2.38
N PHE A 58 -9.57 7.68 -2.98
CA PHE A 58 -10.10 6.99 -4.16
C PHE A 58 -10.85 5.75 -3.69
N ASN A 59 -12.14 5.68 -4.05
CA ASN A 59 -13.00 4.51 -3.82
C ASN A 59 -13.23 4.23 -2.32
N GLY A 60 -13.06 5.24 -1.47
CA GLY A 60 -13.49 5.16 -0.08
C GLY A 60 -12.44 4.52 0.83
N SER A 61 -11.27 4.16 0.33
CA SER A 61 -10.23 3.42 1.06
C SER A 61 -8.92 4.21 1.07
N MET A 62 -8.13 4.03 2.14
CA MET A 62 -6.69 4.36 2.18
CA MET A 62 -6.69 4.36 2.14
C MET A 62 -5.96 3.04 2.36
N PRO A 63 -5.09 2.60 1.41
CA PRO A 63 -4.84 3.24 0.11
C PRO A 63 -6.05 3.05 -0.82
N GLY A 64 -6.00 3.74 -1.95
CA GLY A 64 -6.84 3.38 -3.06
C GLY A 64 -6.55 1.94 -3.51
N PRO A 65 -7.48 1.31 -4.26
CA PRO A 65 -7.31 -0.07 -4.67
C PRO A 65 -6.11 -0.29 -5.60
N LEU A 66 -5.57 -1.52 -5.55
CA LEU A 66 -4.54 -1.97 -6.49
C LEU A 66 -5.21 -2.32 -7.82
N MET A 67 -4.68 -1.74 -8.88
CA MET A 67 -5.06 -2.05 -10.26
CA MET A 67 -5.05 -2.05 -10.28
C MET A 67 -3.99 -3.00 -10.82
N VAL A 68 -4.39 -4.07 -11.49
CA VAL A 68 -3.39 -5.03 -12.07
C VAL A 68 -3.67 -5.21 -13.55
N VAL A 69 -2.65 -4.97 -14.36
CA VAL A 69 -2.71 -5.15 -15.82
C VAL A 69 -1.41 -5.84 -16.27
N HIS A 70 -1.31 -6.07 -17.55
CA HIS A 70 -0.10 -6.63 -18.18
C HIS A 70 0.55 -5.63 -19.15
N GLU A 71 1.85 -5.80 -19.27
CA GLU A 71 2.68 -5.00 -20.17
C GLU A 71 1.97 -4.97 -21.53
N GLY A 72 1.82 -3.77 -22.11
CA GLY A 72 1.24 -3.60 -23.45
C GLY A 72 -0.28 -3.41 -23.41
N ASP A 73 -0.93 -3.68 -22.29
CA ASP A 73 -2.38 -3.32 -22.15
C ASP A 73 -2.49 -1.80 -22.17
N TYR A 74 -3.67 -1.33 -22.48
CA TYR A 74 -4.09 0.07 -22.31
C TYR A 74 -5.02 0.11 -21.12
N VAL A 75 -4.88 1.14 -20.32
CA VAL A 75 -5.62 1.30 -19.06
C VAL A 75 -6.52 2.51 -19.26
N GLU A 76 -7.81 2.29 -19.33
CA GLU A 76 -8.80 3.35 -19.50
C GLU A 76 -9.52 3.57 -18.16
N VAL A 77 -9.22 4.70 -17.55
CA VAL A 77 -9.69 5.01 -16.19
CA VAL A 77 -9.70 5.00 -16.18
C VAL A 77 -10.75 6.12 -16.24
N THR A 78 -11.93 5.85 -15.72
CA THR A 78 -12.98 6.84 -15.51
C THR A 78 -12.82 7.33 -14.08
N LEU A 79 -12.42 8.60 -13.90
CA LEU A 79 -12.31 9.24 -12.60
C LEU A 79 -13.56 10.10 -12.39
N VAL A 80 -14.21 9.87 -11.27
CA VAL A 80 -15.52 10.50 -10.94
C VAL A 80 -15.33 11.31 -9.65
N ASN A 81 -15.78 12.56 -9.69
CA ASN A 81 -15.76 13.46 -8.52
C ASN A 81 -17.19 13.86 -8.20
N PRO A 82 -17.92 13.08 -7.38
CA PRO A 82 -19.32 13.39 -7.07
C PRO A 82 -19.52 14.80 -6.47
N ALA A 83 -20.68 15.39 -6.73
CA ALA A 83 -21.04 16.74 -6.31
C ALA A 83 -21.16 16.89 -4.80
N THR A 84 -21.14 15.80 -4.02
CA THR A 84 -21.08 15.85 -2.54
C THR A 84 -19.67 16.25 -2.09
N ASN A 85 -18.67 16.10 -2.94
CA ASN A 85 -17.28 16.49 -2.60
C ASN A 85 -17.20 18.03 -2.71
N THR A 86 -16.17 18.62 -2.11
CA THR A 86 -15.98 20.07 -1.97
C THR A 86 -14.82 20.59 -2.84
N MET A 87 -13.92 19.74 -3.25
CA MET A 87 -12.66 20.14 -3.91
C MET A 87 -12.54 19.51 -5.30
N PRO A 88 -11.76 20.14 -6.17
CA PRO A 88 -11.34 19.51 -7.40
C PRO A 88 -10.28 18.42 -7.08
N HIS A 89 -10.23 17.42 -7.96
CA HIS A 89 -9.34 16.26 -7.85
C HIS A 89 -8.88 15.84 -9.25
N ASN A 90 -7.80 15.08 -9.28
CA ASN A 90 -7.29 14.52 -10.55
C ASN A 90 -6.53 13.23 -10.24
N ILE A 91 -5.81 12.69 -11.21
CA ILE A 91 -5.00 11.47 -10.98
C ILE A 91 -3.74 11.51 -11.84
N ASP A 92 -2.62 11.15 -11.19
CA ASP A 92 -1.23 11.01 -11.73
C ASP A 92 -0.85 9.55 -11.52
N PHE A 93 -0.62 8.86 -12.62
CA PHE A 93 -0.11 7.47 -12.64
C PHE A 93 1.38 7.52 -12.88
N HIS A 94 2.16 7.05 -11.91
CA HIS A 94 3.62 6.94 -12.14
C HIS A 94 3.96 5.90 -13.24
N SER A 95 3.03 5.00 -13.55
CA SER A 95 3.17 3.99 -14.61
C SER A 95 3.04 4.60 -16.03
N ALA A 96 2.49 5.81 -16.13
CA ALA A 96 2.06 6.42 -17.39
C ALA A 96 3.10 7.41 -17.93
N THR A 97 3.05 7.67 -19.24
CA THR A 97 3.99 8.58 -19.90
C THR A 97 3.25 9.82 -20.46
N GLY A 98 3.58 11.00 -19.94
CA GLY A 98 3.02 12.27 -20.43
C GLY A 98 2.06 12.96 -19.47
N ALA A 99 1.92 14.27 -19.65
CA ALA A 99 0.89 15.12 -19.03
C ALA A 99 0.93 14.95 -17.51
N LEU A 100 2.12 14.94 -16.90
CA LEU A 100 2.30 14.82 -15.44
C LEU A 100 1.61 13.53 -14.98
N GLY A 101 1.76 12.46 -15.74
CA GLY A 101 1.21 11.15 -15.36
C GLY A 101 -0.29 11.03 -15.61
N GLY A 102 -0.86 12.03 -16.29
CA GLY A 102 -2.29 12.13 -16.46
C GLY A 102 -2.93 13.22 -15.62
N GLY A 103 -2.22 13.81 -14.68
CA GLY A 103 -2.80 14.86 -13.87
C GLY A 103 -3.24 16.05 -14.67
N ALA A 104 -2.51 16.37 -15.72
CA ALA A 104 -2.78 17.55 -16.55
C ALA A 104 -4.00 17.32 -17.46
N LEU A 105 -4.55 16.10 -17.49
CA LEU A 105 -5.68 15.76 -18.38
C LEU A 105 -6.91 15.32 -17.56
N THR A 106 -6.86 15.34 -16.22
CA THR A 106 -7.89 14.71 -15.38
C THR A 106 -8.48 15.64 -14.29
N LEU A 107 -8.21 16.95 -14.31
CA LEU A 107 -8.70 17.83 -13.24
C LEU A 107 -10.20 17.99 -13.41
N ILE A 108 -10.94 17.58 -12.39
CA ILE A 108 -12.42 17.59 -12.38
C ILE A 108 -12.95 18.26 -11.11
N ASN A 109 -13.93 19.11 -11.29
CA ASN A 109 -14.68 19.73 -10.20
C ASN A 109 -15.72 18.75 -9.68
N PRO A 110 -16.23 18.99 -8.47
CA PRO A 110 -17.36 18.22 -7.97
C PRO A 110 -18.51 18.28 -8.98
N GLY A 111 -19.07 17.11 -9.30
CA GLY A 111 -20.14 17.00 -10.29
C GLY A 111 -19.63 16.54 -11.66
N GLU A 112 -18.31 16.33 -11.82
CA GLU A 112 -17.71 15.98 -13.13
C GLU A 112 -16.99 14.64 -13.09
N GLN A 113 -16.82 14.07 -14.28
CA GLN A 113 -15.98 12.89 -14.49
C GLN A 113 -15.17 13.09 -15.75
N VAL A 114 -14.12 12.28 -15.87
CA VAL A 114 -13.17 12.34 -16.99
C VAL A 114 -12.71 10.92 -17.29
N VAL A 115 -12.29 10.68 -18.54
CA VAL A 115 -11.80 9.34 -18.95
C VAL A 115 -10.38 9.52 -19.54
N LEU A 116 -9.40 8.89 -18.93
CA LEU A 116 -7.97 8.92 -19.36
C LEU A 116 -7.59 7.54 -19.81
N ARG A 117 -6.83 7.43 -20.87
CA ARG A 117 -6.27 6.15 -21.30
C ARG A 117 -4.73 6.27 -21.33
N TRP A 118 -4.06 5.33 -20.72
CA TRP A 118 -2.58 5.28 -20.77
C TRP A 118 -2.12 3.87 -21.12
N LYS A 119 -1.08 3.78 -21.92
CA LYS A 119 -0.49 2.51 -22.32
C LYS A 119 0.50 2.05 -21.24
N ALA A 120 0.39 0.79 -20.85
CA ALA A 120 1.19 0.16 -19.79
C ALA A 120 2.50 -0.36 -20.41
N THR A 121 3.43 0.56 -20.69
CA THR A 121 4.70 0.25 -21.38
C THR A 121 5.79 -0.16 -20.41
N ARG A 122 5.62 0.12 -19.12
CA ARG A 122 6.69 -0.10 -18.12
C ARG A 122 6.19 -1.12 -17.06
N THR A 123 6.97 -2.16 -16.80
CA THR A 123 6.57 -3.24 -15.84
C THR A 123 6.99 -2.83 -14.42
N GLY A 124 6.22 -3.31 -13.45
CA GLY A 124 6.47 -3.05 -12.04
C GLY A 124 5.22 -2.68 -11.30
N VAL A 125 5.44 -2.34 -10.04
CA VAL A 125 4.40 -1.70 -9.20
C VAL A 125 4.70 -0.21 -9.14
N PHE A 126 3.68 0.60 -9.19
CA PHE A 126 3.79 2.06 -9.31
C PHE A 126 2.75 2.73 -8.45
N VAL A 127 3.10 3.87 -7.91
CA VAL A 127 2.12 4.72 -7.22
C VAL A 127 1.20 5.41 -8.23
N TYR A 128 -0.06 5.61 -7.82
CA TYR A 128 -0.93 6.65 -8.40
C TYR A 128 -1.39 7.55 -7.27
N HIS A 129 -1.60 8.81 -7.58
CA HIS A 129 -2.05 9.78 -6.56
C HIS A 129 -2.69 11.02 -7.18
N CYS A 130 -3.48 11.70 -6.37
CA CYS A 130 -4.08 12.98 -6.74
C CYS A 130 -2.96 14.03 -6.75
N ALA A 131 -3.05 15.04 -7.59
CA ALA A 131 -2.03 16.12 -7.68
C ALA A 131 -2.62 17.38 -8.30
N PRO A 132 -3.57 18.06 -7.62
N PRO A 132 -3.56 18.07 -7.63
CA PRO A 132 -4.31 19.16 -8.24
CA PRO A 132 -4.32 19.12 -8.31
C PRO A 132 -3.46 20.33 -8.74
C PRO A 132 -3.67 20.51 -8.36
N GLY A 133 -2.38 20.60 -8.04
CA GLY A 133 -1.52 21.75 -8.29
C GLY A 133 -0.99 22.38 -7.01
N GLY A 134 0.26 22.80 -7.02
CA GLY A 134 0.88 23.63 -5.96
C GLY A 134 0.78 22.92 -4.61
N PRO A 135 0.47 23.66 -3.53
CA PRO A 135 0.39 23.07 -2.19
C PRO A 135 -0.72 22.04 -2.07
N MET A 136 -1.67 22.06 -3.01
CA MET A 136 -2.76 21.04 -2.93
C MET A 136 -2.17 19.66 -3.19
N ILE A 137 -1.06 19.54 -3.90
CA ILE A 137 -0.51 18.19 -4.22
C ILE A 137 -0.17 17.43 -2.93
N PRO A 138 0.72 17.91 -2.04
CA PRO A 138 1.01 17.12 -0.86
C PRO A 138 -0.21 16.96 0.02
N TRP A 139 -1.04 18.00 0.10
CA TRP A 139 -2.22 17.93 1.02
C TRP A 139 -3.15 16.78 0.60
N HIS A 140 -3.46 16.69 -0.70
CA HIS A 140 -4.40 15.65 -1.14
C HIS A 140 -3.76 14.27 -0.92
N VAL A 141 -2.46 14.17 -1.17
CA VAL A 141 -1.76 12.85 -1.03
C VAL A 141 -1.73 12.42 0.42
N VAL A 142 -1.36 13.33 1.33
CA VAL A 142 -1.25 12.93 2.77
C VAL A 142 -2.63 12.89 3.42
N SER A 143 -3.67 13.35 2.72
CA SER A 143 -5.08 13.20 3.18
C SER A 143 -5.61 11.81 2.75
N GLY A 144 -4.85 11.01 1.97
CA GLY A 144 -5.24 9.64 1.61
C GLY A 144 -5.36 9.36 0.13
N MET A 145 -5.15 10.34 -0.76
CA MET A 145 -5.44 10.16 -2.21
C MET A 145 -4.24 9.54 -2.92
N ASN A 146 -4.03 8.26 -2.68
CA ASN A 146 -2.94 7.53 -3.30
C ASN A 146 -3.24 6.04 -3.22
N GLY A 147 -2.75 5.35 -4.25
CA GLY A 147 -2.85 3.90 -4.38
C GLY A 147 -1.72 3.40 -5.23
N ALA A 148 -1.92 2.25 -5.86
CA ALA A 148 -0.86 1.63 -6.69
C ALA A 148 -1.46 0.87 -7.87
N VAL A 149 -0.63 0.66 -8.88
CA VAL A 149 -0.98 -0.21 -10.03
CA VAL A 149 -0.93 -0.13 -10.11
C VAL A 149 0.20 -1.15 -10.25
N MET A 150 -0.12 -2.37 -10.59
CA MET A 150 0.91 -3.36 -10.94
C MET A 150 0.77 -3.72 -12.39
N VAL A 151 1.89 -3.58 -13.12
CA VAL A 151 1.98 -3.95 -14.54
C VAL A 151 2.87 -5.17 -14.60
N LEU A 152 2.25 -6.31 -14.78
CA LEU A 152 2.98 -7.59 -14.84
C LEU A 152 3.55 -7.79 -16.22
N PRO A 153 4.74 -8.43 -16.33
CA PRO A 153 5.18 -9.01 -17.60
C PRO A 153 4.10 -10.01 -18.04
N ARG A 154 3.90 -10.14 -19.36
CA ARG A 154 2.91 -11.12 -19.89
CA ARG A 154 2.90 -11.10 -19.90
C ARG A 154 3.28 -12.54 -19.47
N ASP A 155 4.55 -12.84 -19.27
CA ASP A 155 4.94 -14.20 -18.81
C ASP A 155 4.93 -14.31 -17.28
N GLY A 156 4.45 -13.29 -16.54
CA GLY A 156 4.48 -13.34 -15.07
C GLY A 156 5.83 -12.91 -14.57
N LEU A 157 6.05 -13.05 -13.28
CA LEU A 157 7.33 -12.64 -12.64
C LEU A 157 8.41 -13.66 -12.90
N ASN A 158 9.65 -13.20 -12.83
CA ASN A 158 10.82 -14.10 -12.94
C ASN A 158 11.89 -13.62 -11.96
N ASP A 159 12.90 -14.46 -11.73
CA ASP A 159 13.97 -14.19 -10.75
C ASP A 159 15.14 -13.44 -11.38
N GLY A 160 15.01 -12.98 -12.62
CA GLY A 160 16.06 -12.20 -13.31
C GLY A 160 17.16 -13.11 -13.84
N HIS A 161 17.04 -14.43 -13.63
CA HIS A 161 18.04 -15.45 -14.02
C HIS A 161 17.34 -16.57 -14.79
N GLY A 162 16.23 -16.27 -15.46
CA GLY A 162 15.54 -17.20 -16.37
C GLY A 162 14.60 -18.19 -15.66
N HIS A 163 14.27 -18.03 -14.39
CA HIS A 163 13.31 -18.94 -13.70
C HIS A 163 12.02 -18.18 -13.40
N SER A 164 10.89 -18.75 -13.73
CA SER A 164 9.54 -18.23 -13.37
CA SER A 164 9.56 -18.18 -13.36
C SER A 164 9.38 -18.18 -11.85
N LEU A 165 8.73 -17.12 -11.37
CA LEU A 165 8.24 -17.02 -9.97
C LEU A 165 6.72 -16.89 -10.04
N ARG A 166 6.01 -17.62 -9.20
CA ARG A 166 4.54 -17.58 -9.14
C ARG A 166 4.13 -17.39 -7.68
N TYR A 167 3.26 -16.44 -7.41
CA TYR A 167 2.68 -16.28 -6.06
C TYR A 167 1.37 -17.06 -5.94
N ASP A 168 1.20 -17.61 -4.74
CA ASP A 168 -0.05 -18.28 -4.31
CA ASP A 168 -0.06 -18.27 -4.34
C ASP A 168 -1.06 -17.24 -3.79
N ARG A 169 -0.59 -16.10 -3.27
CA ARG A 169 -1.42 -15.07 -2.65
C ARG A 169 -0.74 -13.73 -2.89
N ILE A 170 -1.54 -12.67 -2.93
CA ILE A 170 -1.02 -11.30 -3.06
C ILE A 170 -1.76 -10.40 -2.09
N TYR A 171 -1.00 -9.56 -1.40
CA TYR A 171 -1.56 -8.47 -0.57
C TYR A 171 -0.91 -7.17 -0.97
N TYR A 172 -1.74 -6.13 -0.90
CA TYR A 172 -1.32 -4.75 -1.10
C TYR A 172 -1.40 -4.00 0.22
N ILE A 173 -0.22 -3.58 0.71
CA ILE A 173 0.00 -2.79 1.94
CA ILE A 173 -0.11 -2.78 1.93
C ILE A 173 0.27 -1.34 1.53
N GLY A 174 -0.70 -0.46 1.65
CA GLY A 174 -0.47 0.98 1.45
C GLY A 174 -0.14 1.60 2.78
N GLU A 175 1.02 2.26 2.85
CA GLU A 175 1.44 2.98 4.06
C GLU A 175 1.14 4.47 3.86
N GLN A 176 0.56 5.06 4.89
CA GLN A 176 0.13 6.46 4.87
C GLN A 176 0.71 7.19 6.07
N ASP A 177 1.43 8.28 5.79
CA ASP A 177 1.92 9.27 6.77
C ASP A 177 0.79 10.30 6.91
N LEU A 178 0.37 10.55 8.15
CA LEU A 178 -0.68 11.53 8.47
C LEU A 178 -0.12 12.62 9.39
N TYR A 179 -0.71 13.80 9.27
CA TYR A 179 -0.25 15.04 9.93
C TYR A 179 -1.46 15.67 10.62
N VAL A 180 -1.83 15.16 11.79
CA VAL A 180 -3.07 15.59 12.50
C VAL A 180 -2.72 16.70 13.47
N PRO A 181 -3.38 17.87 13.33
CA PRO A 181 -3.16 18.97 14.28
C PRO A 181 -3.51 18.62 15.71
N ARG A 182 -2.77 19.25 16.61
CA ARG A 182 -3.01 19.19 18.08
CA ARG A 182 -3.00 19.20 18.08
C ARG A 182 -3.32 20.59 18.64
N ASP A 183 -4.07 20.60 19.71
CA ASP A 183 -4.37 21.82 20.48
C ASP A 183 -3.19 22.10 21.44
N GLU A 184 -3.30 23.20 22.21
CA GLU A 184 -2.19 23.60 23.11
C GLU A 184 -1.95 22.49 24.15
N LYS A 185 -2.93 21.66 24.54
CA LYS A 185 -2.76 20.57 25.55
C LYS A 185 -2.19 19.30 24.91
N GLY A 186 -2.05 19.24 23.58
CA GLY A 186 -1.52 18.06 22.91
C GLY A 186 -2.59 17.11 22.39
N ASN A 187 -3.87 17.41 22.57
CA ASN A 187 -4.96 16.55 22.08
C ASN A 187 -5.16 16.80 20.57
N PHE A 188 -5.47 15.77 19.81
CA PHE A 188 -5.76 15.91 18.37
C PHE A 188 -7.02 16.74 18.20
N LYS A 189 -6.98 17.67 17.23
CA LYS A 189 -8.13 18.53 16.87
C LYS A 189 -9.01 17.81 15.86
N SER A 190 -10.31 18.09 15.94
CA SER A 190 -11.35 17.64 14.96
CA SER A 190 -11.26 17.64 14.88
C SER A 190 -11.86 18.86 14.17
N TYR A 191 -12.29 18.63 12.95
CA TYR A 191 -12.81 19.65 12.02
C TYR A 191 -14.07 19.08 11.35
N ASP A 192 -14.87 19.97 10.77
CA ASP A 192 -16.14 19.60 10.12
C ASP A 192 -15.96 19.43 8.63
N SER A 193 -14.81 19.83 8.05
CA SER A 193 -14.55 19.73 6.59
C SER A 193 -13.06 19.66 6.35
N PRO A 194 -12.62 19.14 5.19
CA PRO A 194 -11.21 19.19 4.83
C PRO A 194 -10.72 20.64 4.78
N GLY A 195 -11.51 21.52 4.15
CA GLY A 195 -11.09 22.94 4.01
C GLY A 195 -10.79 23.53 5.38
N GLU A 196 -11.63 23.26 6.39
CA GLU A 196 -11.43 23.82 7.75
C GLU A 196 -10.13 23.29 8.39
N ALA A 197 -9.76 22.06 8.08
CA ALA A 197 -8.58 21.40 8.66
C ALA A 197 -7.31 21.91 7.97
N TYR A 198 -7.40 22.51 6.79
CA TYR A 198 -6.20 22.70 5.92
C TYR A 198 -5.10 23.49 6.62
N SER A 199 -5.42 24.68 7.09
CA SER A 199 -4.38 25.63 7.56
C SER A 199 -3.60 24.97 8.70
N ASP A 200 -4.29 24.42 9.66
CA ASP A 200 -3.60 23.78 10.81
C ASP A 200 -2.78 22.55 10.34
N THR A 201 -3.33 21.79 9.38
CA THR A 201 -2.69 20.56 8.85
C THR A 201 -1.37 20.94 8.14
N GLU A 202 -1.42 22.00 7.35
CA GLU A 202 -0.25 22.45 6.58
C GLU A 202 0.87 22.80 7.56
N GLU A 203 0.57 23.40 8.70
CA GLU A 203 1.61 23.76 9.69
C GLU A 203 2.29 22.48 10.19
N VAL A 204 1.55 21.42 10.40
CA VAL A 204 2.12 20.11 10.86
C VAL A 204 2.97 19.51 9.72
N MET A 205 2.42 19.55 8.52
CA MET A 205 3.12 19.02 7.36
C MET A 205 4.50 19.67 7.22
N ARG A 206 4.56 20.99 7.40
CA ARG A 206 5.80 21.74 7.18
C ARG A 206 6.94 21.24 8.07
N LYS A 207 6.62 20.67 9.25
CA LYS A 207 7.69 20.18 10.16
CA LYS A 207 7.66 20.16 10.20
C LYS A 207 8.08 18.74 9.83
N LEU A 208 7.54 18.13 8.77
N LEU A 208 7.41 18.11 8.86
CA LEU A 208 7.99 16.84 8.18
CA LEU A 208 7.76 16.87 8.13
C LEU A 208 7.99 15.68 9.19
C LEU A 208 7.66 15.60 9.00
N THR A 209 7.17 15.73 10.24
CA THR A 209 7.09 14.65 11.24
C THR A 209 5.63 14.24 11.32
N PRO A 210 5.31 13.01 10.87
CA PRO A 210 3.94 12.56 10.94
C PRO A 210 3.53 12.28 12.39
N THR A 211 2.25 12.42 12.63
CA THR A 211 1.61 12.06 13.91
C THR A 211 1.21 10.58 13.93
N HIS A 212 0.99 10.02 12.75
CA HIS A 212 0.56 8.62 12.54
C HIS A 212 1.23 8.10 11.28
N VAL A 213 1.55 6.83 11.27
CA VAL A 213 2.04 6.11 10.09
C VAL A 213 1.27 4.79 10.14
N VAL A 214 0.40 4.61 9.16
CA VAL A 214 -0.59 3.52 9.25
C VAL A 214 -0.56 2.70 7.96
N PHE A 215 -0.97 1.45 8.09
CA PHE A 215 -1.23 0.53 6.96
C PHE A 215 -2.75 0.40 6.79
N ASN A 216 -3.21 0.44 5.56
CA ASN A 216 -4.65 0.24 5.25
C ASN A 216 -5.48 1.21 6.06
N GLY A 217 -4.95 2.44 6.23
CA GLY A 217 -5.76 3.58 6.66
C GLY A 217 -5.95 3.79 8.15
N LYS A 218 -5.46 2.89 9.01
N LYS A 218 -5.52 2.86 9.03
CA LYS A 218 -5.57 3.16 10.45
CA LYS A 218 -5.78 3.01 10.49
C LYS A 218 -4.65 2.25 11.24
C LYS A 218 -4.77 2.20 11.29
N ALA A 219 -4.28 2.71 12.43
CA ALA A 219 -3.54 1.88 13.35
C ALA A 219 -4.38 0.64 13.61
N GLY A 220 -3.76 -0.53 13.57
CA GLY A 220 -4.43 -1.79 13.90
C GLY A 220 -5.28 -2.34 12.78
N ALA A 221 -5.32 -1.68 11.62
CA ALA A 221 -6.22 -2.14 10.52
C ALA A 221 -5.98 -3.61 10.15
N LEU A 222 -4.72 -4.06 10.17
CA LEU A 222 -4.35 -5.41 9.68
C LEU A 222 -3.83 -6.24 10.84
N THR A 223 -4.35 -5.98 12.01
CA THR A 223 -4.07 -6.82 13.20
C THR A 223 -5.39 -7.40 13.70
N GLY A 224 -5.29 -8.24 14.69
CA GLY A 224 -6.47 -8.91 15.27
C GLY A 224 -7.25 -9.69 14.23
N LYS A 225 -8.59 -9.44 14.18
CA LYS A 225 -9.46 -10.24 13.30
C LYS A 225 -9.11 -9.93 11.83
N ASN A 226 -8.37 -8.86 11.53
CA ASN A 226 -8.04 -8.49 10.13
CA ASN A 226 -8.06 -8.50 10.13
C ASN A 226 -6.59 -8.83 9.82
N ALA A 227 -5.97 -9.66 10.62
CA ALA A 227 -4.64 -10.21 10.23
C ALA A 227 -4.75 -10.83 8.82
N LEU A 228 -3.62 -10.83 8.12
CA LEU A 228 -3.47 -11.42 6.77
C LEU A 228 -3.23 -12.93 6.93
N ASN A 229 -3.96 -13.71 6.19
CA ASN A 229 -3.87 -15.17 6.25
C ASN A 229 -2.81 -15.70 5.26
N ALA A 230 -2.13 -16.76 5.69
CA ALA A 230 -1.31 -17.56 4.78
C ALA A 230 -1.13 -18.97 5.37
N ASN A 231 -0.44 -19.79 4.63
CA ASN A 231 -0.14 -21.19 4.99
C ASN A 231 1.34 -21.48 4.75
N VAL A 232 1.92 -22.34 5.60
CA VAL A 232 3.29 -22.80 5.36
C VAL A 232 3.36 -23.32 3.90
N GLY A 233 4.40 -22.91 3.19
CA GLY A 233 4.65 -23.33 1.79
C GLY A 233 4.17 -22.36 0.77
N GLU A 234 3.24 -21.47 1.13
CA GLU A 234 2.73 -20.49 0.14
C GLU A 234 3.78 -19.40 -0.10
N ASN A 235 3.89 -19.05 -1.38
CA ASN A 235 4.68 -17.90 -1.86
CA ASN A 235 4.67 -17.89 -1.89
C ASN A 235 3.75 -16.68 -1.91
N VAL A 236 4.00 -15.75 -1.05
CA VAL A 236 3.11 -14.57 -0.91
C VAL A 236 3.83 -13.34 -1.45
N LEU A 237 3.18 -12.64 -2.38
CA LEU A 237 3.68 -11.33 -2.86
C LEU A 237 3.07 -10.23 -2.00
N ILE A 238 3.94 -9.41 -1.42
CA ILE A 238 3.53 -8.26 -0.60
C ILE A 238 3.94 -6.99 -1.37
N VAL A 239 2.98 -6.28 -1.93
CA VAL A 239 3.20 -4.97 -2.59
C VAL A 239 3.06 -3.90 -1.53
N HIS A 240 4.04 -3.00 -1.46
CA HIS A 240 4.11 -1.93 -0.45
C HIS A 240 4.27 -0.60 -1.16
N SER A 241 3.38 0.33 -0.88
CA SER A 241 3.50 1.69 -1.45
C SER A 241 3.58 2.77 -0.39
N GLN A 242 4.28 3.85 -0.76
CA GLN A 242 4.36 5.03 0.07
C GLN A 242 4.49 6.19 -0.91
N ALA A 243 3.47 7.01 -1.01
CA ALA A 243 3.38 8.09 -2.02
C ALA A 243 4.18 9.35 -1.61
N ASN A 244 4.59 9.49 -0.32
CA ASN A 244 5.15 10.75 0.15
C ASN A 244 6.44 10.64 0.98
N ARG A 245 6.70 9.49 1.59
CA ARG A 245 7.70 9.36 2.65
C ARG A 245 8.32 7.97 2.59
N ASP A 246 9.59 7.89 2.91
CA ASP A 246 10.31 6.59 2.86
C ASP A 246 9.73 5.64 3.92
N SER A 247 9.88 4.37 3.62
CA SER A 247 9.51 3.26 4.51
C SER A 247 10.60 2.19 4.46
N ARG A 248 10.64 1.35 5.49
CA ARG A 248 11.65 0.24 5.52
C ARG A 248 10.98 -1.06 5.97
N PRO A 249 10.26 -1.73 5.04
CA PRO A 249 9.52 -2.93 5.41
C PRO A 249 10.36 -4.09 5.91
N HIS A 250 9.78 -4.80 6.85
CA HIS A 250 10.40 -6.00 7.45
C HIS A 250 9.30 -6.95 7.90
N LEU A 251 9.46 -8.24 7.59
CA LEU A 251 8.58 -9.32 8.04
C LEU A 251 9.28 -9.99 9.23
N ILE A 252 8.81 -9.69 10.41
CA ILE A 252 9.40 -10.20 11.67
C ILE A 252 9.19 -11.73 11.72
N GLY A 253 10.30 -12.47 11.78
CA GLY A 253 10.33 -13.93 11.73
C GLY A 253 10.50 -14.47 10.34
N GLY A 254 10.48 -13.60 9.33
CA GLY A 254 10.70 -13.99 7.95
C GLY A 254 11.78 -13.14 7.27
N HIS A 255 11.73 -13.17 5.95
CA HIS A 255 12.69 -12.53 5.04
C HIS A 255 11.96 -12.09 3.79
N GLY A 256 12.65 -11.34 2.95
CA GLY A 256 12.22 -11.18 1.56
C GLY A 256 13.02 -12.12 0.70
N ASP A 257 12.42 -13.18 0.19
CA ASP A 257 13.14 -14.19 -0.65
C ASP A 257 13.58 -13.50 -1.94
N TYR A 258 12.67 -12.75 -2.52
CA TYR A 258 12.90 -11.99 -3.75
C TYR A 258 12.31 -10.61 -3.54
N VAL A 259 13.12 -9.59 -3.67
CA VAL A 259 12.63 -8.23 -3.37
C VAL A 259 13.02 -7.31 -4.53
N TRP A 260 12.02 -6.62 -5.04
CA TRP A 260 12.18 -5.50 -6.01
C TRP A 260 11.99 -4.20 -5.21
N GLU A 261 13.03 -3.68 -4.52
CA GLU A 261 12.73 -2.57 -3.60
C GLU A 261 12.34 -1.33 -4.37
N THR A 262 12.95 -1.09 -5.51
CA THR A 262 12.55 0.03 -6.40
C THR A 262 11.29 -0.33 -7.21
N GLY A 263 10.87 -1.58 -7.19
CA GLY A 263 9.52 -1.96 -7.64
C GLY A 263 9.37 -2.24 -9.13
N LYS A 264 10.47 -2.49 -9.86
CA LYS A 264 10.36 -2.51 -11.34
C LYS A 264 10.91 -3.84 -11.86
N PHE A 265 10.06 -4.61 -12.53
CA PHE A 265 10.31 -6.05 -12.84
C PHE A 265 11.31 -6.22 -14.00
N SER A 266 11.77 -5.16 -14.66
CA SER A 266 12.85 -5.25 -15.67
C SER A 266 14.20 -5.46 -14.94
N ASN A 267 14.23 -5.25 -13.62
CA ASN A 267 15.44 -5.43 -12.77
C ASN A 267 15.33 -6.71 -11.98
N ALA A 268 16.43 -7.45 -11.92
CA ALA A 268 16.41 -8.69 -11.12
C ALA A 268 16.17 -8.32 -9.66
N PRO A 269 15.38 -9.14 -8.95
CA PRO A 269 15.18 -8.93 -7.51
C PRO A 269 16.46 -9.19 -6.73
N GLU A 270 16.54 -8.62 -5.54
CA GLU A 270 17.56 -9.01 -4.57
C GLU A 270 17.02 -10.20 -3.75
N THR A 271 17.90 -11.00 -3.22
CA THR A 271 17.53 -12.22 -2.50
C THR A 271 17.87 -12.10 -1.00
N GLY A 272 17.05 -12.75 -0.20
CA GLY A 272 17.28 -13.03 1.21
C GLY A 272 17.41 -11.78 2.05
N LEU A 273 16.61 -10.76 1.81
CA LEU A 273 16.71 -9.53 2.60
C LEU A 273 16.05 -9.66 3.98
N GLU A 274 16.60 -8.92 4.94
CA GLU A 274 15.97 -8.77 6.28
C GLU A 274 14.95 -7.64 6.18
N THR A 275 15.39 -6.51 5.69
CA THR A 275 14.61 -5.26 5.65
C THR A 275 14.88 -4.63 4.30
N TRP A 276 13.87 -4.04 3.69
CA TRP A 276 14.03 -3.40 2.37
C TRP A 276 13.58 -1.95 2.49
N PHE A 277 13.66 -1.21 1.38
CA PHE A 277 13.50 0.25 1.44
C PHE A 277 12.56 0.69 0.31
N ILE A 278 11.46 1.30 0.70
CA ILE A 278 10.49 1.90 -0.24
C ILE A 278 10.73 3.41 -0.23
N ARG A 279 11.27 3.94 -1.29
CA ARG A 279 11.52 5.41 -1.35
CA ARG A 279 11.48 5.40 -1.47
C ARG A 279 10.14 6.08 -1.47
N GLY A 280 9.99 7.15 -0.74
CA GLY A 280 8.78 7.97 -0.84
C GLY A 280 8.49 8.31 -2.30
N GLY A 281 7.24 8.12 -2.73
CA GLY A 281 6.83 8.29 -4.13
C GLY A 281 7.04 7.03 -4.96
N SER A 282 7.03 5.87 -4.34
CA SER A 282 7.21 4.61 -5.08
C SER A 282 6.44 3.47 -4.44
N ALA A 283 6.36 2.39 -5.19
CA ALA A 283 5.93 1.08 -4.71
C ALA A 283 7.07 0.09 -4.93
N GLY A 284 7.12 -0.90 -4.06
CA GLY A 284 8.01 -2.06 -4.17
C GLY A 284 7.24 -3.33 -3.90
N ALA A 285 7.92 -4.46 -4.07
CA ALA A 285 7.28 -5.76 -3.90
C ALA A 285 8.30 -6.77 -3.38
N ALA A 286 7.81 -7.64 -2.51
CA ALA A 286 8.59 -8.72 -1.94
C ALA A 286 7.78 -10.02 -2.06
N LEU A 287 8.49 -11.09 -2.41
CA LEU A 287 7.96 -12.45 -2.37
C LEU A 287 8.60 -13.17 -1.19
N TYR A 288 7.78 -13.85 -0.45
CA TYR A 288 8.28 -14.75 0.61
C TYR A 288 7.48 -16.03 0.65
N LYS A 289 8.21 -17.14 0.75
CA LYS A 289 7.61 -18.46 0.97
C LYS A 289 7.68 -18.76 2.47
N PHE A 290 6.51 -18.82 3.10
CA PHE A 290 6.43 -19.11 4.54
C PHE A 290 6.93 -20.53 4.82
N LEU A 291 7.75 -20.62 5.86
CA LEU A 291 8.43 -21.86 6.28
C LEU A 291 7.96 -22.30 7.68
N GLN A 292 7.38 -21.42 8.48
CA GLN A 292 6.94 -21.67 9.86
C GLN A 292 5.54 -21.12 10.00
N PRO A 293 4.73 -21.77 10.83
CA PRO A 293 3.44 -21.24 11.20
C PRO A 293 3.60 -20.22 12.32
N GLY A 294 2.52 -19.51 12.57
CA GLY A 294 2.37 -18.59 13.71
C GLY A 294 2.10 -17.18 13.26
N ILE A 295 2.22 -16.30 14.22
CA ILE A 295 2.05 -14.84 13.99
CA ILE A 295 2.04 -14.84 14.03
CA ILE A 295 2.04 -14.84 14.00
C ILE A 295 3.36 -14.24 13.50
N TYR A 296 3.26 -13.43 12.46
CA TYR A 296 4.36 -12.62 11.96
C TYR A 296 3.86 -11.18 12.05
N ALA A 297 4.72 -10.29 12.46
CA ALA A 297 4.48 -8.83 12.38
C ALA A 297 5.18 -8.31 11.10
N TYR A 298 4.46 -7.54 10.32
CA TYR A 298 5.00 -6.82 9.16
C TYR A 298 5.01 -5.33 9.54
N VAL A 299 6.19 -4.74 9.51
CA VAL A 299 6.41 -3.40 10.07
C VAL A 299 7.18 -2.59 9.07
N THR A 300 7.12 -1.28 9.27
CA THR A 300 8.25 -0.40 8.90
C THR A 300 9.24 -0.52 10.09
N HIS A 301 10.52 -0.73 9.80
CA HIS A 301 11.53 -0.97 10.84
C HIS A 301 12.18 0.31 11.34
N ASN A 302 11.46 1.43 11.31
CA ASN A 302 11.58 2.43 12.41
C ASN A 302 10.55 1.95 13.44
N LEU A 303 11.03 1.29 14.48
CA LEU A 303 10.15 0.63 15.46
C LEU A 303 9.34 1.64 16.25
N ILE A 304 9.76 2.92 16.33
CA ILE A 304 8.89 3.91 16.98
C ILE A 304 7.64 4.06 16.10
N GLU A 305 7.85 4.18 14.79
CA GLU A 305 6.70 4.32 13.89
C GLU A 305 5.85 3.04 13.96
N ALA A 306 6.48 1.87 13.95
CA ALA A 306 5.75 0.59 13.98
C ALA A 306 4.87 0.41 15.21
N ALA A 307 5.44 0.63 16.38
CA ALA A 307 4.76 0.30 17.64
C ALA A 307 3.96 1.48 18.20
N ASN A 308 4.40 2.70 17.94
CA ASN A 308 3.85 3.89 18.61
C ASN A 308 3.07 4.81 17.67
N LEU A 309 3.27 4.75 16.36
N LEU A 309 3.30 4.78 16.35
CA LEU A 309 2.52 5.63 15.41
CA LEU A 309 2.53 5.66 15.41
C LEU A 309 1.60 4.83 14.49
C LEU A 309 1.52 4.84 14.59
N GLY A 310 1.56 3.51 14.64
CA GLY A 310 0.52 2.70 13.95
C GLY A 310 0.94 1.72 12.88
N ALA A 311 2.22 1.58 12.57
CA ALA A 311 2.65 0.93 11.31
C ALA A 311 3.06 -0.54 11.57
N THR A 312 2.13 -1.35 12.04
CA THR A 312 2.27 -2.80 12.20
C THR A 312 1.04 -3.51 11.62
N ALA A 313 1.30 -4.52 10.79
CA ALA A 313 0.31 -5.52 10.32
C ALA A 313 0.69 -6.87 10.85
N HIS A 314 -0.27 -7.78 10.91
CA HIS A 314 0.01 -9.19 11.28
C HIS A 314 -0.32 -10.13 10.13
N PHE A 315 0.50 -11.15 9.99
CA PHE A 315 0.16 -12.40 9.28
C PHE A 315 -0.12 -13.47 10.33
N LYS A 316 -1.14 -14.23 10.08
CA LYS A 316 -1.44 -15.49 10.82
CA LYS A 316 -1.46 -15.50 10.81
C LYS A 316 -1.26 -16.66 9.83
N VAL A 317 -0.28 -17.48 10.09
CA VAL A 317 0.16 -18.53 9.15
C VAL A 317 -0.13 -19.90 9.78
N GLU A 318 -0.93 -20.68 9.10
CA GLU A 318 -1.30 -22.03 9.52
C GLU A 318 -0.29 -23.04 8.96
N GLY A 319 -0.02 -24.05 9.75
CA GLY A 319 0.83 -25.20 9.38
C GLY A 319 1.54 -25.81 10.57
N LYS A 320 2.58 -26.60 10.26
CA LYS A 320 3.34 -27.38 11.26
CA LYS A 320 3.35 -27.41 11.24
C LYS A 320 4.70 -26.70 11.50
N TRP A 321 5.08 -26.65 12.76
CA TRP A 321 6.36 -26.04 13.19
C TRP A 321 7.53 -26.93 12.76
N ASN A 322 8.58 -26.33 12.26
CA ASN A 322 9.83 -26.98 11.85
C ASN A 322 10.93 -26.73 12.90
N ASP A 323 11.14 -27.72 13.76
CA ASP A 323 12.12 -27.62 14.86
C ASP A 323 13.57 -27.57 14.34
N ASP A 324 13.80 -28.00 13.12
CA ASP A 324 15.15 -27.89 12.51
C ASP A 324 15.51 -26.43 12.29
N LEU A 325 14.59 -25.61 11.81
CA LEU A 325 14.88 -24.17 11.57
C LEU A 325 15.00 -23.40 12.89
N MET A 326 14.19 -23.74 13.88
CA MET A 326 14.22 -23.02 15.15
C MET A 326 13.60 -23.90 16.22
N THR A 327 14.20 -23.90 17.40
CA THR A 327 13.59 -24.60 18.56
C THR A 327 13.99 -23.91 19.87
N GLN A 328 13.07 -23.98 20.83
CA GLN A 328 13.37 -23.62 22.21
C GLN A 328 14.04 -24.81 22.87
N VAL A 329 15.36 -24.78 22.98
CA VAL A 329 16.12 -25.91 23.57
C VAL A 329 15.75 -26.05 25.05
N LYS A 330 15.77 -24.95 25.80
CA LYS A 330 15.35 -24.97 27.22
CA LYS A 330 15.37 -24.95 27.23
C LYS A 330 14.40 -23.79 27.45
N ALA A 331 13.23 -24.07 27.96
CA ALA A 331 12.25 -23.03 28.33
C ALA A 331 12.85 -22.16 29.43
N PRO A 332 12.32 -20.94 29.60
CA PRO A 332 12.75 -20.06 30.68
C PRO A 332 12.80 -20.82 32.01
N ALA A 333 13.90 -20.63 32.71
CA ALA A 333 14.17 -21.33 33.98
C ALA A 333 15.07 -20.44 34.80
N ASP A 334 15.03 -20.64 36.11
CA ASP A 334 15.87 -19.88 37.05
C ASP A 334 17.35 -20.02 36.62
N ILE A 335 18.12 -18.94 36.75
CA ILE A 335 19.57 -18.98 36.44
C ILE A 335 20.23 -19.93 37.43
N PRO A 336 20.99 -20.96 36.99
CA PRO A 336 21.55 -21.94 37.91
C PRO A 336 22.45 -21.26 38.95
N THR A 337 22.42 -21.77 40.19
CA THR A 337 23.21 -21.28 41.36
C THR A 337 24.71 -21.24 41.00
N GLY A 338 25.20 -22.28 40.33
CA GLY A 338 26.62 -22.40 39.93
C GLY A 338 27.01 -21.48 38.78
N SER A 339 26.08 -20.68 38.24
CA SER A 339 26.36 -19.78 37.10
C SER A 339 27.17 -18.59 37.61
N THR A 340 28.02 -18.10 36.71
CA THR A 340 28.74 -16.82 36.80
C THR A 340 28.41 -16.02 35.57
N ASN A 341 27.80 -14.86 35.71
CA ASN A 341 27.23 -14.15 34.54
CA ASN A 341 27.24 -14.16 34.53
C ASN A 341 27.73 -12.71 34.55
N GLU A 342 29.04 -12.54 34.47
CA GLU A 342 29.66 -11.18 34.44
C GLU A 342 30.15 -10.87 33.02
C1 GLC B . -2.20 13.09 22.98
C2 GLC B . -3.47 12.36 22.45
C3 GLC B . -3.50 10.81 22.40
C4 GLC B . -2.04 10.33 22.00
C5 GLC B . -0.86 11.27 22.41
C6 GLC B . 0.37 10.90 21.65
O2 GLC B . -4.56 12.94 23.26
O3 GLC B . -4.65 10.28 21.54
O4 GLC B . -1.65 9.08 22.55
O5 GLC B . -1.06 12.70 22.22
O6 GLC B . 0.09 11.21 20.32
C1 FRU B . -2.82 14.85 25.62
C2 FRU B . -1.56 14.15 25.08
C3 FRU B . -0.60 13.72 26.18
C4 FRU B . 0.76 13.77 25.47
C5 FRU B . 0.65 15.06 24.66
C6 FRU B . 1.48 15.22 23.37
O1 FRU B . -2.45 16.01 26.38
O2 FRU B . -1.97 12.93 24.40
O3 FRU B . -1.14 12.49 26.69
O4 FRU B . 1.85 13.87 26.37
O5 FRU B . -0.74 15.10 24.34
O6 FRU B . 1.57 14.05 22.53
C1 GLC C . 16.22 -20.17 1.93
C2 GLC C . 17.73 -20.47 2.02
C3 GLC C . 17.83 -21.94 1.59
C4 GLC C . 16.72 -22.74 2.32
C5 GLC C . 15.49 -22.01 3.12
C6 GLC C . 15.26 -22.29 4.61
O2 GLC C . 18.49 -19.54 1.23
O3 GLC C . 19.14 -22.68 1.62
O4 GLC C . 16.29 -23.57 1.18
O5 GLC C . 15.61 -20.61 3.16
O6 GLC C . 15.36 -23.74 4.54
C1 FRU C . 15.98 -21.36 -0.86
C2 FRU C . 14.89 -20.59 -0.06
C3 FRU C . 13.42 -20.87 -0.52
C4 FRU C . 13.58 -20.02 -1.91
C5 FRU C . 14.98 -19.45 -1.83
C6 FRU C . 15.20 -18.33 -2.83
O1 FRU C . 15.52 -22.25 -1.87
O2 FRU C . 15.36 -21.03 1.14
O3 FRU C . 12.39 -20.88 0.68
O4 FRU C . 13.84 -20.49 -3.35
O5 FRU C . 15.11 -19.25 -0.41
O6 FRU C . 16.61 -18.23 -3.21
S SO4 D . -5.48 25.48 19.95
O1 SO4 D . -6.17 26.70 19.79
O2 SO4 D . -6.13 24.50 19.12
O3 SO4 D . -4.10 25.62 19.47
O4 SO4 D . -5.53 25.09 21.39
S SO4 E . 12.65 -27.61 28.88
O1 SO4 E . 13.57 -28.67 28.47
O2 SO4 E . 11.39 -28.13 29.25
O3 SO4 E . 12.43 -26.73 27.80
O4 SO4 E . 13.21 -26.89 29.97
S SO4 F . 11.27 -22.12 -14.93
O1 SO4 F . 11.01 -20.85 -15.59
O2 SO4 F . 10.58 -23.17 -15.61
O3 SO4 F . 10.79 -22.07 -13.56
O4 SO4 F . 12.69 -22.41 -14.91
S SO4 G . -10.83 5.41 -29.28
O1 SO4 G . -11.07 4.14 -29.96
O2 SO4 G . -11.60 6.42 -29.92
O3 SO4 G . -9.43 5.72 -29.43
O4 SO4 G . -11.20 5.33 -27.87
CU CU H . -7.57 15.11 -4.61
CU CU I . 4.02 11.40 -7.92
C1 GOL J . 27.99 -9.43 30.97
O1 GOL J . 26.85 -8.57 30.78
C2 GOL J . 28.64 -9.85 29.65
O2 GOL J . 29.97 -9.29 29.49
C3 GOL J . 28.68 -11.36 29.40
O3 GOL J . 29.98 -11.91 29.62
C1 GOL K . -3.25 -9.95 17.54
O1 GOL K . -3.79 -8.62 17.63
C2 GOL K . -3.81 -10.79 16.40
O2 GOL K . -3.47 -10.33 15.07
C3 GOL K . -4.04 -11.74 17.10
O3 GOL K . -2.75 -12.28 17.37
C1 GOL L . 6.85 -21.71 18.25
C1 GOL L . 6.11 -22.24 18.37
O1 GOL L . 6.13 -20.51 17.92
O1 GOL L . 5.32 -21.06 18.56
C2 GOL L . 5.94 -22.90 18.43
C2 GOL L . 5.52 -23.46 19.06
O2 GOL L . 4.94 -22.94 17.40
O2 GOL L . 4.53 -24.08 18.24
C3 GOL L . 6.70 -24.23 18.46
C3 GOL L . 6.62 -24.44 19.39
O3 GOL L . 5.82 -25.34 18.66
O3 GOL L . 7.85 -23.77 19.62
N NO M . 4.07 13.33 -8.85
O NO M . 4.07 12.36 -9.67
S SO4 N . 19.29 -7.00 -14.29
O1 SO4 N . 19.82 -8.35 -14.16
O2 SO4 N . 18.23 -6.99 -15.27
O3 SO4 N . 20.38 -6.15 -14.75
O4 SO4 N . 18.81 -6.49 -13.03
S SO4 O . -7.29 -18.90 3.92
O1 SO4 O . -6.01 -19.56 3.87
O2 SO4 O . -8.25 -19.79 3.27
O3 SO4 O . -7.29 -17.58 3.25
O4 SO4 O . -7.66 -18.68 5.31
S SO4 P . -2.15 -17.87 -13.70
S SO4 P . -2.73 -17.68 -12.88
O1 SO4 P . -3.21 -18.48 -14.48
O1 SO4 P . -3.44 -17.27 -14.07
O2 SO4 P . -1.68 -18.83 -12.72
O2 SO4 P . -2.65 -19.12 -12.85
O3 SO4 P . -2.68 -16.71 -13.04
O3 SO4 P . -3.41 -17.19 -11.70
O4 SO4 P . -1.04 -17.48 -14.51
O4 SO4 P . -1.40 -17.16 -12.92
S SO4 Q . 2.91 -27.75 15.24
O1 SO4 Q . 1.54 -28.26 15.05
O2 SO4 Q . 3.76 -28.36 14.30
O3 SO4 Q . 2.92 -26.31 15.08
O4 SO4 Q . 3.39 -28.08 16.59
S SO4 R . -5.21 -14.00 -3.78
O1 SO4 R . -5.87 -15.29 -3.39
O2 SO4 R . -4.44 -14.23 -4.96
O3 SO4 R . -4.30 -13.54 -2.79
O4 SO4 R . -6.20 -13.00 -4.13
S SO4 S . 21.88 -15.79 -15.55
O1 SO4 S . 20.92 -16.45 -16.42
O2 SO4 S . 21.94 -16.49 -14.28
O3 SO4 S . 21.48 -14.40 -15.36
O4 SO4 S . 23.19 -15.82 -16.17
S SO4 T . -18.37 4.74 2.98
O1 SO4 T . -18.80 3.43 3.47
O2 SO4 T . -19.46 5.33 2.21
O3 SO4 T . -18.06 5.60 4.12
O4 SO4 T . -17.18 4.62 2.14
N NO2 U . -5.75 -18.47 -24.77
O1 NO2 U . -5.61 -17.74 -25.90
O2 NO2 U . -5.73 -18.38 -23.49
N NO2 V . -7.59 21.26 -4.38
O1 NO2 V . -8.02 21.46 -3.18
O2 NO2 V . -8.03 20.76 -5.45
N NO2 W . -8.70 1.94 4.04
O1 NO2 W . -8.41 0.70 3.97
O2 NO2 W . -9.57 2.76 4.55
#